data_3ZFY
#
_entry.id   3ZFY
#
_cell.length_a   46.990
_cell.length_b   56.488
_cell.length_c   61.354
_cell.angle_alpha   93.02
_cell.angle_beta   90.65
_cell.angle_gamma   90.03
#
_symmetry.space_group_name_H-M   'P 1'
#
loop_
_entity.id
_entity.type
_entity.pdbx_description
1 polymer 'EPHRIN TYPE-B RECEPTOR 3'
2 water water
#
_entity_poly.entity_id   1
_entity_poly.type   'polypeptide(L)'
_entity_poly.pdbx_seq_one_letter_code
;GSSDPNEAVREFAKEIDVSCVKIEEVIGAGEFGEVCRGRLKQPGRREVFVAIKTLKVGYTERQRRDFLSEASIMGQFDHP
NIIRLEGVVTKSRPVMILTEFMENCALDSFLRLNDGQFTVIQLVGMLRGIAAGMKYLSEMNYVHRDLAARNILVNSNLVC
KVSDFGLSRFLEDDPSDPTYTSSLGGKIPIRWTAPEAIAYRKFTSASDVWSYGIVMWEVMSYGERPYWDMSNQDVINAVE
QDYRLPPPMDCPTALHQLMLDCWVRDRNLRPKFSQIVNTLDKLIRNPASLKVIASAQS
;
_entity_poly.pdbx_strand_id   A,B
#
# COMPACT_ATOMS: atom_id res chain seq x y z
N CYS A 20 -2.07 38.03 27.84
CA CYS A 20 -0.92 37.10 27.56
C CYS A 20 -0.43 37.16 26.12
N VAL A 21 -1.09 37.96 25.28
CA VAL A 21 -0.87 37.99 23.84
C VAL A 21 -0.16 39.26 23.37
N LYS A 22 0.51 39.17 22.23
CA LYS A 22 1.09 40.33 21.54
C LYS A 22 1.00 40.11 20.03
N ILE A 23 0.93 41.19 19.25
CA ILE A 23 0.84 41.07 17.79
C ILE A 23 2.02 41.74 17.10
N GLU A 24 2.71 40.98 16.25
CA GLU A 24 3.79 41.49 15.40
C GLU A 24 3.27 41.55 13.97
N GLU A 25 4.16 41.41 12.98
CA GLU A 25 3.77 41.42 11.56
C GLU A 25 2.35 40.91 11.30
N VAL A 26 1.44 41.82 10.96
CA VAL A 26 0.06 41.45 10.64
C VAL A 26 -0.01 40.64 9.34
N GLU A 31 -12.64 37.05 5.93
CA GLU A 31 -13.93 36.48 6.33
C GLU A 31 -14.56 37.26 7.48
N PHE A 32 -13.96 37.19 8.67
CA PHE A 32 -14.47 37.90 9.88
C PHE A 32 -13.53 38.99 10.43
N GLY A 33 -12.37 39.17 9.81
CA GLY A 33 -11.41 40.19 10.25
C GLY A 33 -9.97 39.91 9.86
N GLU A 34 -9.04 40.51 10.62
CA GLU A 34 -7.61 40.44 10.30
C GLU A 34 -7.01 39.05 10.50
N VAL A 35 -5.74 38.92 10.15
CA VAL A 35 -5.02 37.65 10.17
C VAL A 35 -3.53 37.87 10.49
N CYS A 36 -3.24 38.10 11.78
CA CYS A 36 -1.93 38.57 12.23
C CYS A 36 -0.99 37.46 12.75
N ARG A 37 0.30 37.77 12.78
CA ARG A 37 1.31 36.95 13.43
C ARG A 37 1.58 37.55 14.81
N GLY A 38 1.56 36.71 15.84
CA GLY A 38 1.65 37.18 17.21
C GLY A 38 2.55 36.32 18.08
N ARG A 39 2.60 36.66 19.36
CA ARG A 39 3.44 35.97 20.33
C ARG A 39 2.64 35.68 21.60
N LEU A 40 2.63 34.42 22.02
CA LEU A 40 1.89 34.01 23.21
C LEU A 40 2.83 33.69 24.36
N LYS A 41 2.42 34.02 25.58
CA LYS A 41 3.20 33.73 26.78
C LYS A 41 2.31 33.12 27.87
N GLN A 42 2.39 31.79 28.04
CA GLN A 42 1.61 31.06 29.03
C GLN A 42 2.50 30.70 30.22
N PRO A 43 1.90 30.52 31.42
CA PRO A 43 2.67 30.27 32.65
C PRO A 43 3.72 29.16 32.51
N ARG A 46 6.65 28.05 27.88
CA ARG A 46 7.58 29.03 27.32
C ARG A 46 7.00 29.70 26.08
N GLU A 47 7.43 30.94 25.84
CA GLU A 47 6.86 31.80 24.79
C GLU A 47 6.94 31.19 23.40
N VAL A 48 5.86 31.35 22.62
CA VAL A 48 5.78 30.80 21.27
C VAL A 48 5.16 31.79 20.27
N PHE A 49 5.50 31.62 19.00
CA PHE A 49 4.81 32.31 17.92
C PHE A 49 3.43 31.68 17.73
N VAL A 50 2.45 32.51 17.37
CA VAL A 50 1.08 32.02 17.15
C VAL A 50 0.40 32.72 15.97
N ALA A 51 -0.74 32.18 15.55
CA ALA A 51 -1.59 32.80 14.53
C ALA A 51 -2.81 33.41 15.20
N ILE A 52 -3.11 34.68 14.87
CA ILE A 52 -4.22 35.39 15.50
C ILE A 52 -5.23 35.90 14.49
N LYS A 53 -6.49 35.49 14.68
CA LYS A 53 -7.62 36.09 13.98
C LYS A 53 -8.29 37.08 14.89
N THR A 54 -8.27 38.35 14.49
CA THR A 54 -9.05 39.38 15.19
C THR A 54 -10.39 39.54 14.46
N LEU A 55 -11.33 40.21 15.12
CA LEU A 55 -12.66 40.43 14.57
C LEU A 55 -12.85 41.94 14.35
N LYS A 56 -13.12 42.33 13.11
CA LYS A 56 -13.10 43.74 12.70
C LYS A 56 -14.09 44.62 13.46
N VAL A 57 -13.90 45.93 13.32
CA VAL A 57 -14.78 46.90 13.96
C VAL A 57 -16.20 46.75 13.43
N GLY A 58 -17.17 46.84 14.34
CA GLY A 58 -18.58 46.76 13.98
C GLY A 58 -19.00 45.41 13.46
N TYR A 59 -18.59 44.34 14.15
CA TYR A 59 -19.05 42.99 13.82
C TYR A 59 -20.52 42.79 14.23
N THR A 60 -21.24 42.02 13.42
CA THR A 60 -22.64 41.68 13.70
C THR A 60 -22.70 40.58 14.75
N GLU A 61 -23.85 40.49 15.44
CA GLU A 61 -24.14 39.35 16.32
C GLU A 61 -23.91 38.04 15.58
N ARG A 62 -24.30 37.99 14.30
CA ARG A 62 -24.10 36.80 13.46
C ARG A 62 -22.65 36.61 13.04
N GLN A 63 -21.93 37.72 12.82
CA GLN A 63 -20.51 37.67 12.51
C GLN A 63 -19.71 37.24 13.75
N ARG A 64 -20.22 37.54 14.94
CA ARG A 64 -19.58 37.14 16.19
C ARG A 64 -19.93 35.70 16.59
N ARG A 65 -21.20 35.33 16.43
CA ARG A 65 -21.67 33.98 16.73
C ARG A 65 -20.95 32.91 15.90
N ASP A 66 -20.74 33.18 14.61
CA ASP A 66 -20.12 32.21 13.71
C ASP A 66 -18.59 32.18 13.85
N PHE A 67 -17.98 33.35 13.99
CA PHE A 67 -16.53 33.47 14.18
C PHE A 67 -16.02 32.58 15.33
N LEU A 68 -16.70 32.62 16.47
CA LEU A 68 -16.27 31.88 17.66
C LEU A 68 -16.62 30.39 17.61
N SER A 69 -17.80 30.04 17.12
CA SER A 69 -18.23 28.63 17.06
C SER A 69 -17.28 27.81 16.18
N GLU A 70 -16.58 28.49 15.27
CA GLU A 70 -15.52 27.85 14.50
C GLU A 70 -14.35 27.49 15.42
N ALA A 71 -14.07 28.37 16.39
CA ALA A 71 -13.12 28.05 17.46
C ALA A 71 -13.61 26.86 18.30
N SER A 72 -14.87 26.90 18.74
CA SER A 72 -15.51 25.76 19.42
C SER A 72 -15.27 24.43 18.66
N ILE A 73 -15.56 24.42 17.36
CA ILE A 73 -15.35 23.23 16.51
C ILE A 73 -13.88 22.77 16.59
N MET A 74 -12.98 23.74 16.44
CA MET A 74 -11.55 23.52 16.37
C MET A 74 -10.96 23.00 17.69
N GLY A 75 -11.49 23.51 18.80
CA GLY A 75 -10.95 23.21 20.12
C GLY A 75 -11.42 21.91 20.77
N GLN A 76 -12.16 21.09 20.03
CA GLN A 76 -12.55 19.77 20.53
C GLN A 76 -11.58 18.70 20.03
N PHE A 77 -10.58 19.12 19.25
CA PHE A 77 -9.60 18.23 18.66
C PHE A 77 -8.23 18.36 19.33
N ASP A 78 -7.44 17.29 19.27
CA ASP A 78 -6.08 17.30 19.79
C ASP A 78 -5.29 16.16 19.14
N HIS A 79 -4.43 16.52 18.19
CA HIS A 79 -3.73 15.54 17.36
C HIS A 79 -2.60 16.27 16.65
N PRO A 80 -1.43 15.62 16.55
CA PRO A 80 -0.28 16.37 15.98
C PRO A 80 -0.40 16.75 14.49
N ASN A 81 -1.36 16.17 13.77
CA ASN A 81 -1.69 16.64 12.41
C ASN A 81 -3.03 17.37 12.30
N ILE A 82 -3.57 17.87 13.42
CA ILE A 82 -4.71 18.79 13.40
C ILE A 82 -4.27 20.10 14.04
N ILE A 83 -4.57 21.23 13.40
CA ILE A 83 -4.10 22.51 13.89
C ILE A 83 -4.61 22.75 15.32
N ARG A 84 -3.71 23.16 16.20
CA ARG A 84 -4.02 23.35 17.61
C ARG A 84 -4.66 24.72 17.81
N LEU A 85 -5.77 24.76 18.57
CA LEU A 85 -6.28 26.02 19.09
C LEU A 85 -5.59 26.25 20.43
N GLU A 86 -4.62 27.16 20.44
CA GLU A 86 -3.94 27.53 21.68
C GLU A 86 -4.98 28.06 22.64
N GLY A 87 -5.76 29.03 22.19
CA GLY A 87 -6.87 29.52 22.98
C GLY A 87 -7.71 30.56 22.27
N VAL A 88 -8.43 31.33 23.07
CA VAL A 88 -9.33 32.40 22.61
C VAL A 88 -9.51 33.39 23.75
N VAL A 89 -9.54 34.69 23.43
CA VAL A 89 -9.79 35.73 24.44
C VAL A 89 -11.05 36.51 24.04
N THR A 90 -12.14 36.27 24.77
CA THR A 90 -13.44 36.88 24.48
C THR A 90 -13.79 37.95 25.50
N LYS A 91 -12.91 38.14 26.49
CA LYS A 91 -13.20 39.02 27.63
C LYS A 91 -12.74 40.46 27.40
N SER A 92 -12.52 40.84 26.15
CA SER A 92 -12.02 42.17 25.81
C SER A 92 -12.18 42.46 24.30
N ARG A 93 -12.25 43.75 23.95
CA ARG A 93 -12.43 44.17 22.55
C ARG A 93 -11.11 44.64 21.95
N PRO A 94 -10.66 44.01 20.85
CA PRO A 94 -11.29 42.98 20.02
C PRO A 94 -11.12 41.54 20.53
N VAL A 95 -11.98 40.65 20.05
CA VAL A 95 -11.98 39.23 20.46
C VAL A 95 -11.19 38.37 19.47
N MET A 96 -10.34 37.51 20.01
CA MET A 96 -9.35 36.80 19.20
C MET A 96 -9.49 35.28 19.23
N ILE A 97 -9.04 34.64 18.16
CA ILE A 97 -8.86 33.20 18.14
C ILE A 97 -7.37 32.97 17.99
N LEU A 98 -6.76 32.28 18.95
CA LEU A 98 -5.33 31.99 18.93
C LEU A 98 -5.11 30.53 18.50
N THR A 99 -4.31 30.34 17.44
CA THR A 99 -3.97 28.99 16.96
C THR A 99 -2.44 28.84 16.81
N GLU A 100 -1.98 27.64 16.48
CA GLU A 100 -0.52 27.41 16.39
C GLU A 100 0.06 28.05 15.13
N PHE A 101 1.33 28.47 15.21
CA PHE A 101 2.01 29.10 14.08
C PHE A 101 2.62 28.02 13.19
N MET A 102 2.41 28.17 11.88
CA MET A 102 2.93 27.22 10.92
C MET A 102 3.75 27.99 9.88
N GLU A 103 5.07 27.92 10.02
CA GLU A 103 5.98 28.81 9.31
C GLU A 103 5.88 28.72 7.78
N ASN A 104 5.71 27.51 7.28
CA ASN A 104 5.69 27.26 5.82
C ASN A 104 4.29 27.40 5.19
N CYS A 105 3.32 27.91 5.96
CA CYS A 105 1.98 28.24 5.44
C CYS A 105 1.23 27.07 4.78
N ALA A 106 0.39 27.35 3.79
CA ALA A 106 -0.47 26.35 3.15
C ALA A 106 0.36 25.43 2.26
N LEU A 107 -0.03 24.16 2.23
CA LEU A 107 0.77 23.11 1.56
C LEU A 107 0.88 23.37 0.06
N ASP A 108 -0.16 23.92 -0.54
CA ASP A 108 -0.17 24.05 -1.99
C ASP A 108 0.83 25.11 -2.50
N SER A 109 0.92 26.25 -1.84
CA SER A 109 1.92 27.25 -2.20
C SER A 109 3.32 26.77 -1.79
N PHE A 110 3.42 26.13 -0.64
CA PHE A 110 4.67 25.56 -0.17
C PHE A 110 5.24 24.56 -1.16
N LEU A 111 4.38 23.77 -1.78
CA LEU A 111 4.87 22.80 -2.74
C LEU A 111 5.28 23.48 -4.03
N ARG A 112 4.53 24.50 -4.44
CA ARG A 112 4.89 25.25 -5.64
C ARG A 112 6.25 25.93 -5.55
N LEU A 113 6.51 26.57 -4.41
CA LEU A 113 7.75 27.31 -4.19
C LEU A 113 8.97 26.35 -4.13
N ASN A 114 8.71 25.06 -3.89
CA ASN A 114 9.72 24.04 -3.69
C ASN A 114 9.61 22.89 -4.69
N ASP A 115 9.33 23.21 -5.95
CA ASP A 115 9.06 22.18 -6.95
C ASP A 115 10.22 21.21 -7.05
N GLY A 116 9.93 19.91 -6.98
CA GLY A 116 10.94 18.87 -7.14
C GLY A 116 11.94 18.69 -6.02
N GLN A 117 11.77 19.43 -4.92
CA GLN A 117 12.82 19.53 -3.92
C GLN A 117 12.76 18.47 -2.82
N PHE A 118 11.72 17.64 -2.79
CA PHE A 118 11.61 16.62 -1.73
C PHE A 118 11.66 15.22 -2.29
N THR A 119 12.14 14.27 -1.49
CA THR A 119 12.14 12.88 -1.91
C THR A 119 10.73 12.30 -1.85
N VAL A 120 10.54 11.20 -2.56
CA VAL A 120 9.28 10.47 -2.52
C VAL A 120 8.94 10.09 -1.07
N ILE A 121 9.90 9.63 -0.28
CA ILE A 121 9.61 9.31 1.13
C ILE A 121 9.10 10.50 1.95
N GLN A 122 9.68 11.67 1.75
CA GLN A 122 9.21 12.90 2.43
C GLN A 122 7.79 13.25 2.04
N LEU A 123 7.47 13.08 0.77
CA LEU A 123 6.13 13.39 0.29
C LEU A 123 5.14 12.43 0.90
N VAL A 124 5.46 11.14 0.90
CA VAL A 124 4.62 10.12 1.52
C VAL A 124 4.46 10.46 3.01
N GLY A 125 5.54 10.93 3.63
CA GLY A 125 5.50 11.37 5.01
C GLY A 125 4.49 12.48 5.26
N MET A 126 4.44 13.46 4.36
CA MET A 126 3.50 14.56 4.47
C MET A 126 2.07 14.04 4.36
N LEU A 127 1.85 13.15 3.39
CA LEU A 127 0.56 12.52 3.17
C LEU A 127 0.15 11.66 4.34
N ARG A 128 1.11 10.99 4.95
CA ARG A 128 0.83 10.10 6.04
C ARG A 128 0.28 10.92 7.20
N GLY A 129 0.94 12.03 7.51
CA GLY A 129 0.48 12.95 8.57
C GLY A 129 -0.92 13.45 8.32
N ILE A 130 -1.22 13.84 7.08
CA ILE A 130 -2.55 14.34 6.72
C ILE A 130 -3.60 13.23 6.83
N ALA A 131 -3.27 12.03 6.32
CA ALA A 131 -4.14 10.86 6.47
C ALA A 131 -4.37 10.55 7.96
N ALA A 132 -3.36 10.77 8.79
CA ALA A 132 -3.50 10.50 10.23
C ALA A 132 -4.43 11.50 10.92
N GLY A 133 -4.33 12.78 10.54
CA GLY A 133 -5.25 13.80 11.04
C GLY A 133 -6.69 13.51 10.64
N MET A 134 -6.90 13.13 9.38
CA MET A 134 -8.23 12.76 8.86
C MET A 134 -8.83 11.50 9.52
N LYS A 135 -7.98 10.54 9.87
CA LYS A 135 -8.42 9.37 10.66
C LYS A 135 -8.89 9.80 12.05
N TYR A 136 -8.17 10.73 12.66
CA TYR A 136 -8.62 11.28 13.95
C TYR A 136 -9.99 11.98 13.84
N LEU A 137 -10.13 12.92 12.89
CA LEU A 137 -11.40 13.64 12.66
C LEU A 137 -12.57 12.68 12.40
N SER A 138 -12.32 11.67 11.58
CA SER A 138 -13.32 10.69 11.24
C SER A 138 -13.72 9.78 12.41
N GLU A 139 -12.78 9.45 13.30
CA GLU A 139 -13.13 8.71 14.56
C GLU A 139 -13.91 9.61 15.52
N MET A 140 -13.72 10.91 15.37
CA MET A 140 -14.52 11.90 16.08
C MET A 140 -15.86 12.21 15.38
N ASN A 141 -16.18 11.48 14.30
CA ASN A 141 -17.42 11.68 13.56
C ASN A 141 -17.51 13.09 12.95
N TYR A 142 -16.37 13.66 12.58
CA TYR A 142 -16.32 14.98 11.96
C TYR A 142 -16.00 14.84 10.48
N VAL A 143 -16.82 15.47 9.66
CA VAL A 143 -16.67 15.47 8.22
C VAL A 143 -16.14 16.84 7.91
N HIS A 144 -14.96 16.91 7.28
CA HIS A 144 -14.30 18.19 7.04
C HIS A 144 -15.00 19.04 5.96
N ARG A 145 -15.33 18.44 4.83
CA ARG A 145 -16.07 19.09 3.72
C ARG A 145 -15.24 19.96 2.76
N ASP A 146 -14.04 20.37 3.13
CA ASP A 146 -13.21 21.20 2.29
C ASP A 146 -11.73 20.78 2.41
N LEU A 147 -11.49 19.46 2.37
CA LEU A 147 -10.13 18.92 2.44
C LEU A 147 -9.40 19.18 1.14
N ALA A 148 -8.32 19.95 1.24
CA ALA A 148 -7.54 20.36 0.07
C ALA A 148 -6.17 20.87 0.54
N ALA A 149 -5.20 20.85 -0.36
CA ALA A 149 -3.85 21.31 -0.01
C ALA A 149 -3.89 22.71 0.60
N ARG A 150 -4.78 23.57 0.09
CA ARG A 150 -4.84 24.96 0.57
C ARG A 150 -5.31 25.07 2.05
N ASN A 151 -5.96 24.02 2.55
CA ASN A 151 -6.35 23.87 3.96
C ASN A 151 -5.41 22.97 4.79
N ILE A 152 -4.22 22.66 4.30
CA ILE A 152 -3.24 21.90 5.06
C ILE A 152 -2.10 22.85 5.36
N LEU A 153 -1.77 23.05 6.64
CA LEU A 153 -0.67 23.94 7.03
C LEU A 153 0.61 23.17 7.38
N VAL A 154 1.77 23.80 7.16
CA VAL A 154 3.09 23.17 7.28
C VAL A 154 4.03 23.97 8.21
N ASN A 155 4.61 23.30 9.21
CA ASN A 155 5.57 23.95 10.09
C ASN A 155 7.00 23.76 9.58
N SER A 156 7.96 24.34 10.31
CA SER A 156 9.36 24.33 9.88
C SER A 156 9.99 22.92 9.82
N ASN A 157 9.41 21.95 10.53
CA ASN A 157 9.83 20.54 10.44
C ASN A 157 9.09 19.75 9.36
N LEU A 158 8.41 20.46 8.47
CA LEU A 158 7.61 19.86 7.38
C LEU A 158 6.43 19.01 7.88
N VAL A 159 6.00 19.19 9.13
CA VAL A 159 4.80 18.53 9.63
C VAL A 159 3.57 19.19 9.02
N CYS A 160 2.70 18.38 8.44
CA CYS A 160 1.46 18.84 7.83
C CYS A 160 0.30 18.69 8.82
N LYS A 161 -0.50 19.75 8.98
CA LYS A 161 -1.67 19.68 9.85
C LYS A 161 -2.90 20.10 9.06
N VAL A 162 -4.00 19.36 9.27
CA VAL A 162 -5.32 19.69 8.71
C VAL A 162 -5.92 20.94 9.40
N SER A 163 -6.40 21.86 8.58
CA SER A 163 -6.88 23.17 9.03
C SER A 163 -8.20 23.51 8.34
N ASP A 164 -8.84 24.57 8.83
CA ASP A 164 -9.98 25.19 8.15
C ASP A 164 -10.12 26.66 8.59
N PHE A 165 -11.29 27.24 8.34
CA PHE A 165 -11.66 28.60 8.78
C PHE A 165 -10.56 29.64 8.57
N GLY A 166 -9.76 29.44 7.52
CA GLY A 166 -8.58 30.26 7.28
C GLY A 166 -8.04 30.04 5.88
N GLU A 172 -6.30 32.14 -6.40
CA GLU A 172 -7.36 31.86 -7.35
C GLU A 172 -6.79 31.89 -8.76
N ASP A 173 -6.62 30.73 -9.37
CA ASP A 173 -5.96 30.62 -10.67
C ASP A 173 -6.85 31.19 -11.79
N ASP A 174 -8.12 30.82 -11.78
CA ASP A 174 -9.05 31.37 -12.75
C ASP A 174 -10.42 31.60 -12.13
N PRO A 175 -10.76 32.87 -11.88
CA PRO A 175 -12.03 33.23 -11.25
C PRO A 175 -13.25 32.78 -12.05
N SER A 176 -13.05 32.53 -13.35
CA SER A 176 -14.11 32.01 -14.22
C SER A 176 -14.42 30.55 -13.94
N ASP A 177 -13.43 29.82 -13.41
CA ASP A 177 -13.66 28.47 -12.89
C ASP A 177 -13.28 28.48 -11.39
N PRO A 178 -14.03 29.21 -10.55
CA PRO A 178 -13.53 29.45 -9.20
C PRO A 178 -13.37 28.19 -8.37
N THR A 179 -12.48 28.28 -7.39
CA THR A 179 -12.25 27.21 -6.44
C THR A 179 -13.54 26.77 -5.76
N TYR A 180 -14.30 27.76 -5.27
CA TYR A 180 -15.57 27.54 -4.64
C TYR A 180 -16.68 28.00 -5.57
N THR A 181 -17.75 27.21 -5.61
CA THR A 181 -19.01 27.57 -6.25
C THR A 181 -20.07 27.73 -5.16
N SER A 182 -20.89 28.77 -5.21
CA SER A 182 -21.89 28.97 -4.15
C SER A 182 -23.13 28.07 -4.29
N SER A 183 -23.59 27.51 -3.17
CA SER A 183 -24.77 26.62 -3.14
C SER A 183 -25.21 26.32 -1.72
N LYS A 187 -19.79 27.61 -1.40
CA LYS A 187 -19.78 26.60 -0.35
C LYS A 187 -19.30 25.23 -0.84
N ILE A 188 -19.20 25.01 -2.15
CA ILE A 188 -18.71 23.73 -2.66
C ILE A 188 -17.47 23.90 -3.56
N PRO A 189 -16.32 23.30 -3.16
CA PRO A 189 -15.11 23.31 -4.01
C PRO A 189 -15.17 22.16 -4.98
N ILE A 190 -15.68 22.42 -6.17
CA ILE A 190 -16.00 21.35 -7.12
C ILE A 190 -14.87 20.35 -7.31
N ARG A 191 -13.68 20.85 -7.65
CA ARG A 191 -12.56 19.95 -8.02
C ARG A 191 -12.11 19.01 -6.90
N TRP A 192 -12.39 19.36 -5.65
CA TRP A 192 -12.06 18.52 -4.48
C TRP A 192 -13.25 17.65 -3.95
N THR A 193 -14.45 17.82 -4.48
CA THR A 193 -15.65 17.26 -3.85
C THR A 193 -16.16 16.00 -4.57
N ALA A 194 -16.44 14.95 -3.81
CA ALA A 194 -16.97 13.71 -4.34
C ALA A 194 -18.27 13.96 -5.11
N PRO A 195 -18.49 13.21 -6.20
CA PRO A 195 -19.68 13.42 -7.04
C PRO A 195 -21.00 13.28 -6.28
N GLU A 196 -21.07 12.41 -5.28
CA GLU A 196 -22.33 12.29 -4.52
C GLU A 196 -22.55 13.46 -3.57
N ALA A 197 -21.47 14.13 -3.18
CA ALA A 197 -21.58 15.36 -2.37
C ALA A 197 -21.91 16.59 -3.21
N ILE A 198 -21.53 16.57 -4.50
CA ILE A 198 -21.94 17.62 -5.42
C ILE A 198 -23.43 17.45 -5.75
N ALA A 199 -23.79 16.25 -6.19
CA ALA A 199 -25.11 15.95 -6.71
C ALA A 199 -26.20 15.93 -5.60
N TYR A 200 -25.90 15.33 -4.45
CA TYR A 200 -26.90 15.09 -3.45
C TYR A 200 -26.56 15.66 -2.07
N ARG A 201 -25.51 16.46 -1.97
CA ARG A 201 -24.99 16.94 -0.67
C ARG A 201 -24.70 15.80 0.32
N LYS A 202 -24.34 14.63 -0.19
CA LYS A 202 -24.01 13.48 0.69
C LYS A 202 -22.58 13.59 1.19
N PHE A 203 -22.39 14.44 2.20
CA PHE A 203 -21.07 14.66 2.79
C PHE A 203 -20.84 13.67 3.93
N THR A 204 -19.78 12.88 3.81
CA THR A 204 -19.41 11.85 4.78
C THR A 204 -17.89 11.69 4.79
N SER A 205 -17.39 10.88 5.72
CA SER A 205 -15.96 10.63 5.77
C SER A 205 -15.49 10.03 4.44
N ALA A 206 -16.31 9.19 3.84
CA ALA A 206 -15.99 8.66 2.52
C ALA A 206 -15.93 9.78 1.45
N SER A 207 -16.69 10.87 1.57
CA SER A 207 -16.51 12.00 0.65
C SER A 207 -15.19 12.77 0.95
N ASP A 208 -14.83 12.90 2.23
CA ASP A 208 -13.49 13.36 2.61
C ASP A 208 -12.38 12.49 2.01
N VAL A 209 -12.61 11.17 1.87
CA VAL A 209 -11.59 10.29 1.33
C VAL A 209 -11.39 10.61 -0.16
N TRP A 210 -12.47 10.86 -0.88
CA TRP A 210 -12.35 11.36 -2.25
C TRP A 210 -11.45 12.60 -2.26
N SER A 211 -11.70 13.53 -1.34
CA SER A 211 -10.95 14.79 -1.31
C SER A 211 -9.49 14.49 -1.02
N TYR A 212 -9.22 13.56 -0.11
CA TYR A 212 -7.83 13.14 0.19
C TYR A 212 -7.12 12.68 -1.05
N GLY A 213 -7.79 11.87 -1.88
CA GLY A 213 -7.22 11.46 -3.15
C GLY A 213 -6.72 12.67 -3.92
N ILE A 214 -7.56 13.68 -4.07
CA ILE A 214 -7.16 14.88 -4.77
C ILE A 214 -5.94 15.49 -4.07
N VAL A 215 -5.97 15.56 -2.71
CA VAL A 215 -4.84 16.08 -1.98
C VAL A 215 -3.55 15.32 -2.27
N MET A 216 -3.61 13.98 -2.32
CA MET A 216 -2.48 13.15 -2.76
C MET A 216 -1.92 13.63 -4.10
N TRP A 217 -2.81 14.00 -5.00
CA TRP A 217 -2.40 14.32 -6.38
C TRP A 217 -1.74 15.71 -6.39
N GLU A 218 -2.20 16.58 -5.51
CA GLU A 218 -1.61 17.88 -5.36
C GLU A 218 -0.20 17.75 -4.85
N VAL A 219 -0.02 16.90 -3.84
CA VAL A 219 1.27 16.78 -3.17
C VAL A 219 2.23 16.20 -4.17
N MET A 220 1.86 15.07 -4.73
CA MET A 220 2.74 14.40 -5.70
C MET A 220 3.08 15.22 -6.94
N SER A 221 2.28 16.24 -7.26
CA SER A 221 2.51 17.06 -8.46
C SER A 221 3.11 18.42 -8.10
N TYR A 222 3.34 18.63 -6.79
CA TYR A 222 3.86 19.87 -6.28
C TYR A 222 2.95 21.07 -6.58
N GLY A 223 1.63 20.86 -6.45
CA GLY A 223 0.68 21.95 -6.46
C GLY A 223 0.07 22.31 -7.80
N GLU A 224 -0.01 21.36 -8.71
CA GLU A 224 -0.78 21.62 -9.90
C GLU A 224 -2.28 21.76 -9.53
N ARG A 225 -2.98 22.44 -10.44
CA ARG A 225 -4.41 22.62 -10.36
C ARG A 225 -5.04 21.29 -10.74
N PRO A 226 -5.78 20.67 -9.82
CA PRO A 226 -6.53 19.48 -10.28
C PRO A 226 -7.36 19.80 -11.53
N TYR A 227 -7.22 18.96 -12.57
CA TYR A 227 -7.98 19.07 -13.80
C TYR A 227 -7.68 20.34 -14.62
N TRP A 228 -6.62 21.07 -14.32
CA TRP A 228 -6.13 22.14 -15.19
C TRP A 228 -7.20 23.10 -15.81
N ASP A 229 -7.19 23.25 -17.14
CA ASP A 229 -8.14 24.16 -17.78
C ASP A 229 -9.46 23.50 -18.18
N MET A 230 -9.78 22.34 -17.60
CA MET A 230 -11.19 21.89 -17.65
C MET A 230 -12.03 22.86 -16.84
N SER A 231 -13.12 23.30 -17.42
CA SER A 231 -14.11 24.11 -16.69
C SER A 231 -14.61 23.30 -15.51
N ASN A 232 -15.17 24.00 -14.52
CA ASN A 232 -15.79 23.33 -13.36
C ASN A 232 -16.85 22.36 -13.80
N GLN A 233 -17.64 22.76 -14.79
CA GLN A 233 -18.67 21.88 -15.34
C GLN A 233 -18.06 20.65 -16.05
N ASP A 234 -16.98 20.86 -16.80
CA ASP A 234 -16.30 19.75 -17.48
C ASP A 234 -15.84 18.70 -16.48
N VAL A 235 -15.46 19.13 -15.29
CA VAL A 235 -14.95 18.23 -14.26
C VAL A 235 -16.06 17.35 -13.72
N ILE A 236 -17.24 17.90 -13.52
CA ILE A 236 -18.38 17.10 -13.07
C ILE A 236 -18.70 16.13 -14.20
N ASN A 237 -18.83 16.64 -15.41
CA ASN A 237 -19.12 15.78 -16.56
C ASN A 237 -18.08 14.66 -16.73
N ALA A 238 -16.80 15.03 -16.69
CA ALA A 238 -15.71 14.09 -16.88
C ALA A 238 -15.73 12.96 -15.85
N VAL A 239 -15.79 13.34 -14.59
CA VAL A 239 -15.90 12.41 -13.46
C VAL A 239 -17.07 11.44 -13.58
N GLU A 240 -18.25 11.94 -13.91
CA GLU A 240 -19.41 11.04 -14.10
C GLU A 240 -19.13 10.03 -15.23
N GLN A 241 -18.25 10.41 -16.16
CA GLN A 241 -17.85 9.54 -17.27
C GLN A 241 -16.63 8.63 -16.99
N ASP A 242 -16.21 8.54 -15.74
CA ASP A 242 -15.10 7.65 -15.35
C ASP A 242 -13.72 8.19 -15.71
N TYR A 243 -13.63 9.48 -16.08
CA TYR A 243 -12.34 10.12 -16.18
C TYR A 243 -11.79 10.22 -14.78
N ARG A 244 -10.53 9.81 -14.62
CA ARG A 244 -9.79 10.06 -13.37
C ARG A 244 -8.47 10.73 -13.73
N LEU A 245 -7.98 11.59 -12.85
CA LEU A 245 -6.72 12.34 -13.08
C LEU A 245 -5.54 11.39 -13.27
N PRO A 246 -4.65 11.72 -14.20
CA PRO A 246 -3.52 10.79 -14.41
C PRO A 246 -2.44 10.86 -13.31
N PRO A 247 -1.44 9.97 -13.37
CA PRO A 247 -0.35 10.09 -12.40
C PRO A 247 0.43 11.37 -12.65
N PRO A 248 0.78 12.11 -11.58
CA PRO A 248 1.76 13.18 -11.73
C PRO A 248 3.11 12.63 -12.21
N MET A 249 3.92 13.51 -12.77
CA MET A 249 5.26 13.15 -13.19
C MET A 249 6.04 12.44 -12.09
N ASP A 250 6.59 11.29 -12.46
CA ASP A 250 7.40 10.45 -11.58
C ASP A 250 6.66 9.95 -10.35
N CYS A 251 5.33 9.99 -10.34
CA CYS A 251 4.59 9.48 -9.19
C CYS A 251 4.63 7.96 -9.24
N PRO A 252 4.95 7.31 -8.11
CA PRO A 252 4.93 5.86 -8.02
C PRO A 252 3.55 5.28 -8.30
N THR A 253 3.48 4.22 -9.09
CA THR A 253 2.24 3.55 -9.38
C THR A 253 1.45 3.18 -8.10
N ALA A 254 2.12 2.73 -7.04
CA ALA A 254 1.42 2.48 -5.76
C ALA A 254 0.57 3.68 -5.30
N LEU A 255 1.13 4.88 -5.41
CA LEU A 255 0.47 6.06 -4.89
C LEU A 255 -0.70 6.48 -5.76
N HIS A 256 -0.53 6.43 -7.07
CA HIS A 256 -1.63 6.70 -7.97
C HIS A 256 -2.74 5.65 -7.80
N GLN A 257 -2.37 4.39 -7.62
CA GLN A 257 -3.38 3.38 -7.39
C GLN A 257 -4.24 3.74 -6.19
N LEU A 258 -3.62 4.23 -5.11
CA LEU A 258 -4.33 4.60 -3.94
C LEU A 258 -5.22 5.83 -4.16
N MET A 259 -4.81 6.74 -5.05
CA MET A 259 -5.69 7.85 -5.47
C MET A 259 -6.92 7.24 -6.11
N LEU A 260 -6.70 6.36 -7.09
CA LEU A 260 -7.81 5.76 -7.83
C LEU A 260 -8.76 5.06 -6.86
N ASP A 261 -8.23 4.43 -5.82
CA ASP A 261 -9.08 3.81 -4.80
C ASP A 261 -9.95 4.86 -4.09
N CYS A 262 -9.34 6.01 -3.78
CA CYS A 262 -10.08 7.11 -3.12
C CYS A 262 -11.17 7.68 -4.01
N TRP A 263 -11.02 7.55 -5.33
CA TRP A 263 -11.96 8.14 -6.29
C TRP A 263 -12.88 7.09 -6.88
N VAL A 264 -13.00 5.93 -6.25
CA VAL A 264 -14.05 4.97 -6.62
C VAL A 264 -15.41 5.70 -6.59
N ARG A 265 -16.17 5.59 -7.67
CA ARG A 265 -17.52 6.13 -7.72
CA ARG A 265 -17.53 6.13 -7.74
C ARG A 265 -18.43 5.52 -6.66
N ASP A 266 -18.24 4.24 -6.37
CA ASP A 266 -18.96 3.59 -5.30
C ASP A 266 -18.32 4.06 -3.99
N ARG A 267 -19.01 4.95 -3.28
CA ARG A 267 -18.45 5.47 -2.04
C ARG A 267 -18.17 4.37 -1.02
N ASN A 268 -18.89 3.25 -1.08
CA ASN A 268 -18.75 2.22 -0.07
C ASN A 268 -17.47 1.40 -0.22
N LEU A 269 -16.84 1.50 -1.39
CA LEU A 269 -15.65 0.75 -1.71
C LEU A 269 -14.39 1.55 -1.41
N ARG A 270 -14.52 2.84 -1.16
CA ARG A 270 -13.32 3.64 -0.95
C ARG A 270 -12.71 3.16 0.35
N PRO A 271 -11.37 3.22 0.46
CA PRO A 271 -10.80 2.82 1.73
C PRO A 271 -11.18 3.83 2.81
N LYS A 272 -11.20 3.39 4.05
CA LYS A 272 -11.34 4.28 5.18
C LYS A 272 -9.96 4.91 5.45
N PHE A 273 -9.92 5.94 6.30
CA PHE A 273 -8.69 6.66 6.54
C PHE A 273 -7.69 5.78 7.29
N SER A 274 -8.18 4.87 8.15
CA SER A 274 -7.29 3.90 8.78
C SER A 274 -6.59 3.06 7.72
N GLN A 275 -7.32 2.65 6.68
CA GLN A 275 -6.73 1.84 5.62
C GLN A 275 -5.68 2.60 4.84
N ILE A 276 -5.92 3.89 4.62
CA ILE A 276 -4.98 4.77 3.93
C ILE A 276 -3.71 4.94 4.74
N VAL A 277 -3.85 5.25 6.03
CA VAL A 277 -2.70 5.28 6.92
C VAL A 277 -1.93 3.94 6.80
N ASN A 278 -2.66 2.81 6.83
CA ASN A 278 -2.03 1.48 6.79
C ASN A 278 -1.29 1.21 5.51
N THR A 279 -1.86 1.65 4.38
CA THR A 279 -1.25 1.46 3.08
C THR A 279 0.02 2.31 2.96
N LEU A 280 -0.03 3.53 3.48
CA LEU A 280 1.10 4.44 3.39
C LEU A 280 2.25 3.93 4.26
N ASP A 281 1.93 3.45 5.47
CA ASP A 281 2.93 2.78 6.33
C ASP A 281 3.53 1.55 5.62
N LYS A 282 2.71 0.75 4.95
CA LYS A 282 3.22 -0.40 4.17
C LYS A 282 4.27 0.06 3.16
N LEU A 283 4.01 1.18 2.51
CA LEU A 283 4.93 1.69 1.49
C LEU A 283 6.23 2.23 2.11
N ILE A 284 6.14 2.87 3.29
CA ILE A 284 7.32 3.35 4.01
C ILE A 284 8.15 2.18 4.52
N ARG A 285 7.52 1.08 4.90
CA ARG A 285 8.27 -0.12 5.32
C ARG A 285 8.88 -0.84 4.12
N ASN A 286 8.39 -0.57 2.92
CA ASN A 286 8.83 -1.30 1.72
C ASN A 286 9.10 -0.31 0.59
N PRO A 287 10.11 0.58 0.77
CA PRO A 287 10.31 1.73 -0.12
C PRO A 287 10.71 1.32 -1.54
N ALA A 288 11.31 0.15 -1.71
CA ALA A 288 11.55 -0.36 -3.06
C ALA A 288 10.27 -0.32 -3.90
N SER A 289 9.14 -0.61 -3.27
CA SER A 289 7.87 -0.64 -3.97
C SER A 289 7.47 0.74 -4.51
N LEU A 290 7.96 1.82 -3.90
CA LEU A 290 7.76 3.19 -4.41
C LEU A 290 8.59 3.53 -5.67
N LYS A 291 9.52 2.65 -6.07
CA LYS A 291 10.30 2.85 -7.30
C LYS A 291 9.52 2.54 -8.59
N VAL A 292 8.52 1.66 -8.56
CA VAL A 292 7.75 1.36 -9.78
C VAL A 292 6.97 2.60 -10.20
N ILE A 293 7.08 2.95 -11.48
CA ILE A 293 6.45 4.15 -12.05
C ILE A 293 5.72 3.81 -13.37
N SER B 19 8.76 -27.25 -33.81
CA SER B 19 7.79 -27.39 -34.94
C SER B 19 6.40 -26.96 -34.49
N CYS B 20 5.78 -27.77 -33.65
CA CYS B 20 4.44 -27.49 -33.09
C CYS B 20 4.35 -26.16 -32.31
N VAL B 21 5.48 -25.45 -32.22
CA VAL B 21 5.61 -24.27 -31.37
C VAL B 21 5.65 -22.97 -32.18
N LYS B 22 5.31 -21.88 -31.52
CA LYS B 22 5.47 -20.52 -32.05
C LYS B 22 5.82 -19.59 -30.90
N ILE B 23 6.54 -18.51 -31.20
CA ILE B 23 6.90 -17.53 -30.16
C ILE B 23 6.33 -16.15 -30.51
N GLU B 24 5.57 -15.59 -29.57
CA GLU B 24 5.08 -14.21 -29.67
C GLU B 24 5.91 -13.36 -28.70
N GLU B 25 5.31 -12.28 -28.17
CA GLU B 25 6.00 -11.39 -27.22
C GLU B 25 7.06 -12.10 -26.38
N VAL B 26 8.33 -11.83 -26.67
CA VAL B 26 9.45 -12.39 -25.90
C VAL B 26 9.50 -11.84 -24.48
N PHE B 32 20.16 -19.27 -18.43
CA PHE B 32 20.57 -20.10 -19.57
C PHE B 32 20.08 -19.58 -20.91
N GLY B 33 19.31 -18.50 -20.91
CA GLY B 33 18.82 -17.90 -22.16
C GLY B 33 17.53 -17.10 -22.02
N GLU B 34 16.81 -16.97 -23.12
CA GLU B 34 15.60 -16.14 -23.18
C GLU B 34 14.43 -16.67 -22.34
N VAL B 35 13.37 -15.88 -22.28
CA VAL B 35 12.17 -16.19 -21.50
C VAL B 35 10.92 -15.64 -22.23
N CYS B 36 10.47 -16.36 -23.25
CA CYS B 36 9.45 -15.87 -24.18
C CYS B 36 8.02 -16.36 -23.89
N ARG B 37 7.04 -15.65 -24.46
CA ARG B 37 5.64 -16.10 -24.48
C ARG B 37 5.37 -16.70 -25.84
N GLY B 38 4.78 -17.89 -25.86
CA GLY B 38 4.58 -18.63 -27.10
C GLY B 38 3.21 -19.30 -27.22
N ARG B 39 3.02 -20.05 -28.30
CA ARG B 39 1.77 -20.73 -28.60
C ARG B 39 2.05 -22.18 -29.02
N LEU B 40 1.39 -23.13 -28.34
CA LEU B 40 1.58 -24.55 -28.63
C LEU B 40 0.36 -25.13 -29.36
N LYS B 41 0.60 -26.06 -30.27
CA LYS B 41 -0.48 -26.72 -31.02
C LYS B 41 -0.26 -28.23 -31.12
N GLN B 42 -1.03 -29.00 -30.35
CA GLN B 42 -0.97 -30.46 -30.43
C GLN B 42 -1.88 -30.99 -31.53
N ARG B 45 -5.40 -31.91 -30.01
CA ARG B 45 -5.60 -31.03 -28.87
C ARG B 45 -5.80 -29.59 -29.30
N ARG B 46 -6.29 -28.76 -28.39
CA ARG B 46 -6.64 -27.37 -28.66
C ARG B 46 -5.46 -26.43 -28.37
N GLU B 47 -5.18 -25.51 -29.29
CA GLU B 47 -4.06 -24.55 -29.15
C GLU B 47 -4.10 -23.77 -27.84
N VAL B 48 -2.93 -23.61 -27.21
CA VAL B 48 -2.83 -22.90 -25.93
C VAL B 48 -1.60 -21.98 -25.86
N PHE B 49 -1.67 -20.98 -24.97
CA PHE B 49 -0.51 -20.14 -24.64
C PHE B 49 0.44 -20.95 -23.76
N VAL B 50 1.74 -20.72 -23.94
CA VAL B 50 2.76 -21.42 -23.13
C VAL B 50 3.94 -20.50 -22.75
N ALA B 51 4.77 -20.98 -21.84
CA ALA B 51 6.01 -20.30 -21.45
C ALA B 51 7.19 -21.04 -22.05
N ILE B 52 8.10 -20.30 -22.68
CA ILE B 52 9.24 -20.92 -23.37
C ILE B 52 10.57 -20.37 -22.85
N LYS B 53 11.43 -21.29 -22.39
CA LYS B 53 12.83 -20.99 -22.14
C LYS B 53 13.65 -21.48 -23.34
N THR B 54 14.28 -20.55 -24.05
CA THR B 54 15.26 -20.92 -25.08
C THR B 54 16.66 -20.90 -24.46
N LEU B 55 17.62 -21.48 -25.16
CA LEU B 55 19.01 -21.57 -24.71
C LEU B 55 19.93 -20.81 -25.67
N GLU B 61 27.89 -26.87 -22.93
CA GLU B 61 27.96 -28.25 -22.45
C GLU B 61 27.43 -28.40 -21.01
N ARG B 62 28.05 -27.71 -20.06
CA ARG B 62 27.55 -27.65 -18.67
C ARG B 62 26.30 -26.78 -18.55
N GLN B 63 26.22 -25.73 -19.39
CA GLN B 63 25.04 -24.88 -19.46
C GLN B 63 23.87 -25.65 -20.10
N ARG B 64 24.19 -26.60 -20.97
CA ARG B 64 23.17 -27.43 -21.62
C ARG B 64 22.73 -28.60 -20.71
N ARG B 65 23.71 -29.24 -20.06
CA ARG B 65 23.43 -30.37 -19.15
C ARG B 65 22.50 -29.97 -18.02
N ASP B 66 22.74 -28.79 -17.46
CA ASP B 66 21.96 -28.35 -16.29
C ASP B 66 20.60 -27.76 -16.70
N PHE B 67 20.57 -27.00 -17.79
CA PHE B 67 19.33 -26.43 -18.33
C PHE B 67 18.22 -27.49 -18.52
N LEU B 68 18.58 -28.63 -19.11
CA LEU B 68 17.61 -29.69 -19.41
C LEU B 68 17.24 -30.55 -18.19
N SER B 69 18.21 -30.89 -17.35
CA SER B 69 17.94 -31.73 -16.18
C SER B 69 16.95 -31.07 -15.24
N GLU B 70 16.86 -29.74 -15.32
CA GLU B 70 15.83 -29.00 -14.60
C GLU B 70 14.45 -29.34 -15.18
N ALA B 71 14.38 -29.50 -16.50
CA ALA B 71 13.18 -30.04 -17.16
C ALA B 71 12.87 -31.46 -16.68
N SER B 72 13.88 -32.34 -16.69
CA SER B 72 13.76 -33.68 -16.11
C SER B 72 13.12 -33.65 -14.71
N ILE B 73 13.65 -32.82 -13.82
CA ILE B 73 13.11 -32.68 -12.45
C ILE B 73 11.63 -32.30 -12.51
N MET B 74 11.33 -31.33 -13.37
CA MET B 74 10.00 -30.73 -13.50
C MET B 74 8.97 -31.69 -14.05
N GLY B 75 9.41 -32.52 -14.99
CA GLY B 75 8.51 -33.40 -15.72
C GLY B 75 8.18 -34.72 -15.06
N GLN B 76 8.60 -34.91 -13.81
CA GLN B 76 8.21 -36.08 -13.03
C GLN B 76 6.99 -35.77 -12.15
N PHE B 77 6.52 -34.54 -12.20
CA PHE B 77 5.40 -34.10 -11.37
C PHE B 77 4.13 -33.90 -12.20
N ASP B 78 2.99 -33.99 -11.52
CA ASP B 78 1.70 -33.72 -12.16
C ASP B 78 0.66 -33.45 -11.08
N HIS B 79 0.31 -32.18 -10.95
CA HIS B 79 -0.54 -31.72 -9.86
C HIS B 79 -1.03 -30.32 -10.22
N PRO B 80 -2.30 -30.02 -9.96
CA PRO B 80 -2.82 -28.71 -10.39
C PRO B 80 -2.19 -27.47 -9.70
N ASN B 81 -1.46 -27.67 -8.61
CA ASN B 81 -0.65 -26.59 -8.03
C ASN B 81 0.86 -26.76 -8.21
N ILE B 82 1.30 -27.60 -9.16
CA ILE B 82 2.71 -27.65 -9.57
C ILE B 82 2.78 -27.30 -11.06
N ILE B 83 3.68 -26.41 -11.45
CA ILE B 83 3.73 -25.96 -12.84
C ILE B 83 3.93 -27.16 -13.78
N ARG B 84 3.13 -27.20 -14.84
CA ARG B 84 3.16 -28.29 -15.78
C ARG B 84 4.30 -28.08 -16.80
N LEU B 85 5.07 -29.14 -17.08
CA LEU B 85 5.95 -29.17 -18.24
C LEU B 85 5.14 -29.72 -19.40
N GLU B 86 4.73 -28.83 -20.30
CA GLU B 86 4.02 -29.25 -21.51
C GLU B 86 4.94 -30.17 -22.30
N GLY B 87 6.16 -29.72 -22.54
CA GLY B 87 7.14 -30.56 -23.17
C GLY B 87 8.50 -29.91 -23.31
N VAL B 88 9.27 -30.43 -24.28
CA VAL B 88 10.65 -30.03 -24.52
C VAL B 88 11.04 -30.46 -25.96
N VAL B 89 11.74 -29.61 -26.70
CA VAL B 89 12.25 -29.97 -28.05
C VAL B 89 13.77 -29.86 -28.05
N THR B 90 14.44 -31.01 -28.05
CA THR B 90 15.91 -31.07 -28.01
C THR B 90 16.48 -31.51 -29.37
N LYS B 91 15.60 -31.78 -30.33
CA LYS B 91 16.00 -32.31 -31.64
C LYS B 91 16.27 -31.22 -32.68
N SER B 92 16.54 -30.01 -32.22
CA SER B 92 16.76 -28.86 -33.11
C SER B 92 17.36 -27.66 -32.37
N ARG B 93 18.05 -26.79 -33.11
CA ARG B 93 18.70 -25.60 -32.53
C ARG B 93 17.89 -24.34 -32.80
N PRO B 94 17.45 -23.61 -31.75
CA PRO B 94 17.73 -23.78 -30.31
C PRO B 94 16.84 -24.81 -29.61
N VAL B 95 17.27 -25.25 -28.43
CA VAL B 95 16.55 -26.24 -27.61
C VAL B 95 15.72 -25.59 -26.51
N MET B 96 14.47 -26.04 -26.41
CA MET B 96 13.48 -25.32 -25.60
C MET B 96 12.92 -26.15 -24.45
N ILE B 97 12.47 -25.46 -23.41
CA ILE B 97 11.67 -26.07 -22.36
C ILE B 97 10.30 -25.40 -22.43
N LEU B 98 9.25 -26.18 -22.68
CA LEU B 98 7.89 -25.66 -22.77
C LEU B 98 7.14 -25.95 -21.46
N THR B 99 6.60 -24.90 -20.84
CA THR B 99 5.82 -25.04 -19.61
C THR B 99 4.46 -24.32 -19.75
N GLU B 100 3.61 -24.40 -18.72
CA GLU B 100 2.27 -23.81 -18.83
C GLU B 100 2.34 -22.30 -18.67
N PHE B 101 1.41 -21.58 -19.29
CA PHE B 101 1.38 -20.12 -19.20
C PHE B 101 0.58 -19.70 -17.98
N MET B 102 1.13 -18.75 -17.23
CA MET B 102 0.49 -18.24 -16.02
C MET B 102 0.37 -16.72 -16.14
N GLU B 103 -0.84 -16.25 -16.44
CA GLU B 103 -1.07 -14.86 -16.87
C GLU B 103 -0.66 -13.83 -15.83
N ASN B 104 -0.91 -14.13 -14.56
CA ASN B 104 -0.68 -13.19 -13.47
C ASN B 104 0.74 -13.28 -12.88
N CYS B 105 1.63 -14.05 -13.53
CA CYS B 105 3.06 -14.11 -13.15
C CYS B 105 3.32 -14.54 -11.70
N ALA B 106 4.40 -14.04 -11.10
CA ALA B 106 4.83 -14.43 -9.75
C ALA B 106 3.90 -13.86 -8.69
N LEU B 107 3.66 -14.62 -7.64
CA LEU B 107 2.65 -14.28 -6.61
C LEU B 107 3.01 -13.00 -5.86
N ASP B 108 4.31 -12.75 -5.67
CA ASP B 108 4.70 -11.60 -4.85
C ASP B 108 4.43 -10.25 -5.54
N SER B 109 4.73 -10.15 -6.84
CA SER B 109 4.40 -8.95 -7.59
C SER B 109 2.89 -8.83 -7.79
N PHE B 110 2.25 -9.98 -8.06
CA PHE B 110 0.82 -10.03 -8.23
C PHE B 110 0.09 -9.53 -6.99
N LEU B 111 0.62 -9.83 -5.82
CA LEU B 111 -0.04 -9.39 -4.61
C LEU B 111 0.22 -7.90 -4.40
N ARG B 112 1.41 -7.43 -4.71
CA ARG B 112 1.72 -6.00 -4.59
C ARG B 112 0.84 -5.11 -5.48
N LEU B 113 0.66 -5.52 -6.74
CA LEU B 113 -0.12 -4.78 -7.70
C LEU B 113 -1.63 -4.74 -7.33
N ASN B 114 -2.04 -5.68 -6.48
CA ASN B 114 -3.44 -5.87 -6.08
C ASN B 114 -3.64 -5.72 -4.57
N ASP B 115 -2.97 -4.76 -3.95
CA ASP B 115 -2.99 -4.62 -2.49
C ASP B 115 -4.42 -4.49 -1.97
N GLY B 116 -4.76 -5.31 -0.97
CA GLY B 116 -6.06 -5.22 -0.32
C GLY B 116 -7.25 -5.70 -1.13
N GLN B 117 -7.03 -6.23 -2.33
CA GLN B 117 -8.11 -6.44 -3.28
C GLN B 117 -8.80 -7.79 -3.15
N PHE B 118 -8.29 -8.69 -2.31
CA PHE B 118 -8.90 -10.01 -2.18
C PHE B 118 -9.46 -10.25 -0.79
N THR B 119 -10.50 -11.08 -0.70
CA THR B 119 -11.03 -11.46 0.59
C THR B 119 -10.10 -12.44 1.30
N VAL B 120 -10.29 -12.53 2.62
CA VAL B 120 -9.53 -13.48 3.41
C VAL B 120 -9.73 -14.89 2.86
N ILE B 121 -10.94 -15.27 2.50
CA ILE B 121 -11.17 -16.62 1.93
C ILE B 121 -10.39 -16.90 0.64
N GLN B 122 -10.29 -15.91 -0.25
CA GLN B 122 -9.49 -16.03 -1.47
C GLN B 122 -8.01 -16.21 -1.15
N LEU B 123 -7.53 -15.49 -0.15
CA LEU B 123 -6.12 -15.58 0.22
C LEU B 123 -5.84 -16.96 0.80
N VAL B 124 -6.73 -17.45 1.67
CA VAL B 124 -6.62 -18.80 2.22
C VAL B 124 -6.66 -19.81 1.07
N GLY B 125 -7.51 -19.55 0.08
CA GLY B 125 -7.59 -20.40 -1.10
C GLY B 125 -6.26 -20.50 -1.85
N MET B 126 -5.57 -19.37 -2.00
CA MET B 126 -4.27 -19.32 -2.64
C MET B 126 -3.26 -20.15 -1.86
N LEU B 127 -3.26 -19.98 -0.55
CA LEU B 127 -2.39 -20.71 0.34
C LEU B 127 -2.67 -22.20 0.34
N ARG B 128 -3.95 -22.55 0.22
CA ARG B 128 -4.36 -23.92 0.25
C ARG B 128 -3.77 -24.62 -0.95
N GLY B 129 -3.91 -24.01 -2.13
CA GLY B 129 -3.36 -24.54 -3.38
C GLY B 129 -1.87 -24.78 -3.28
N ILE B 130 -1.16 -23.82 -2.72
CA ILE B 130 0.29 -23.93 -2.57
C ILE B 130 0.65 -25.04 -1.58
N ALA B 131 -0.04 -25.07 -0.43
CA ALA B 131 0.15 -26.15 0.54
C ALA B 131 -0.12 -27.50 -0.10
N ALA B 132 -1.08 -27.56 -1.01
CA ALA B 132 -1.44 -28.82 -1.65
C ALA B 132 -0.34 -29.26 -2.64
N GLY B 133 0.24 -28.31 -3.37
CA GLY B 133 1.39 -28.61 -4.24
C GLY B 133 2.58 -29.12 -3.44
N MET B 134 2.89 -28.45 -2.32
CA MET B 134 3.96 -28.85 -1.40
C MET B 134 3.77 -30.22 -0.72
N LYS B 135 2.52 -30.57 -0.41
CA LYS B 135 2.18 -31.92 0.02
C LYS B 135 2.49 -32.95 -1.08
N TYR B 136 2.17 -32.63 -2.32
CA TYR B 136 2.49 -33.52 -3.43
C TYR B 136 4.01 -33.75 -3.59
N LEU B 137 4.76 -32.65 -3.67
CA LEU B 137 6.23 -32.71 -3.77
C LEU B 137 6.85 -33.53 -2.65
N SER B 138 6.37 -33.29 -1.44
CA SER B 138 6.88 -33.97 -0.26
C SER B 138 6.56 -35.46 -0.23
N GLU B 139 5.38 -35.86 -0.75
CA GLU B 139 5.07 -37.29 -0.92
C GLU B 139 5.90 -37.94 -2.03
N MET B 140 6.37 -37.10 -2.95
CA MET B 140 7.34 -37.50 -3.97
C MET B 140 8.79 -37.44 -3.46
N ASN B 141 8.99 -37.14 -2.17
CA ASN B 141 10.33 -37.07 -1.59
C ASN B 141 11.18 -35.98 -2.23
N TYR B 142 10.54 -34.88 -2.64
CA TYR B 142 11.23 -33.74 -3.22
C TYR B 142 11.21 -32.58 -2.25
N VAL B 143 12.41 -32.03 -2.01
CA VAL B 143 12.61 -30.91 -1.13
C VAL B 143 12.86 -29.74 -2.05
N HIS B 144 12.01 -28.72 -1.98
CA HIS B 144 12.09 -27.61 -2.94
C HIS B 144 13.34 -26.73 -2.74
N ARG B 145 13.60 -26.33 -1.49
CA ARG B 145 14.78 -25.51 -1.12
C ARG B 145 14.68 -23.99 -1.33
N ASP B 146 13.73 -23.53 -2.14
CA ASP B 146 13.61 -22.11 -2.42
C ASP B 146 12.13 -21.74 -2.53
N LEU B 147 11.32 -22.26 -1.60
CA LEU B 147 9.89 -21.92 -1.55
C LEU B 147 9.70 -20.48 -1.09
N ALA B 148 9.11 -19.68 -1.95
CA ALA B 148 8.85 -18.27 -1.70
C ALA B 148 7.82 -17.74 -2.68
N ALA B 149 7.17 -16.63 -2.34
CA ALA B 149 6.16 -16.05 -3.23
C ALA B 149 6.70 -15.84 -4.65
N ARG B 150 7.97 -15.46 -4.77
CA ARG B 150 8.56 -15.20 -6.10
C ARG B 150 8.65 -16.45 -7.00
N ASN B 151 8.63 -17.63 -6.37
CA ASN B 151 8.59 -18.93 -7.05
C ASN B 151 7.18 -19.56 -7.14
N ILE B 152 6.12 -18.80 -6.87
CA ILE B 152 4.76 -19.29 -7.01
C ILE B 152 4.13 -18.53 -8.16
N LEU B 153 3.65 -19.23 -9.19
CA LEU B 153 3.02 -18.59 -10.33
C LEU B 153 1.49 -18.62 -10.24
N VAL B 154 0.83 -17.62 -10.83
CA VAL B 154 -0.62 -17.43 -10.74
C VAL B 154 -1.29 -17.30 -12.14
N ASN B 155 -2.33 -18.09 -12.38
CA ASN B 155 -3.07 -18.00 -13.63
C ASN B 155 -4.28 -17.07 -13.50
N SER B 156 -5.02 -16.90 -14.58
CA SER B 156 -6.14 -15.96 -14.63
C SER B 156 -7.31 -16.30 -13.69
N ASN B 157 -7.40 -17.57 -13.28
CA ASN B 157 -8.38 -18.00 -12.25
C ASN B 157 -7.84 -17.90 -10.82
N LEU B 158 -6.72 -17.20 -10.65
CA LEU B 158 -6.05 -17.04 -9.34
C LEU B 158 -5.51 -18.35 -8.76
N VAL B 159 -5.35 -19.38 -9.59
CA VAL B 159 -4.74 -20.63 -9.11
C VAL B 159 -3.23 -20.44 -8.97
N CYS B 160 -2.72 -20.79 -7.80
CA CYS B 160 -1.30 -20.68 -7.49
C CYS B 160 -0.59 -22.00 -7.74
N LYS B 161 0.55 -21.96 -8.43
CA LYS B 161 1.32 -23.18 -8.67
C LYS B 161 2.76 -22.96 -8.23
N VAL B 162 3.32 -23.98 -7.58
CA VAL B 162 4.74 -24.01 -7.20
C VAL B 162 5.65 -24.19 -8.42
N SER B 163 6.68 -23.34 -8.48
CA SER B 163 7.58 -23.26 -9.61
C SER B 163 9.02 -23.17 -9.12
N ASP B 164 9.95 -23.32 -10.07
CA ASP B 164 11.37 -23.04 -9.84
C ASP B 164 12.06 -22.72 -11.17
N PHE B 165 13.40 -22.79 -11.19
CA PHE B 165 14.22 -22.62 -12.40
C PHE B 165 13.79 -21.44 -13.26
N GLY B 166 13.23 -20.41 -12.62
CA GLY B 166 12.59 -19.32 -13.34
C GLY B 166 12.21 -18.19 -12.41
N GLU B 172 14.62 -7.16 -6.63
CA GLU B 172 15.63 -7.07 -5.58
C GLU B 172 15.48 -5.74 -4.87
N ASP B 173 14.94 -5.78 -3.66
CA ASP B 173 14.62 -4.57 -2.91
C ASP B 173 15.90 -3.86 -2.45
N ASP B 174 16.83 -4.62 -1.88
CA ASP B 174 18.10 -4.06 -1.45
C ASP B 174 19.24 -5.05 -1.71
N PRO B 175 20.06 -4.78 -2.75
CA PRO B 175 21.17 -5.64 -3.11
C PRO B 175 22.20 -5.81 -1.98
N SER B 176 22.21 -4.88 -1.01
CA SER B 176 23.08 -4.98 0.16
C SER B 176 22.62 -6.06 1.14
N ASP B 177 21.32 -6.34 1.12
CA ASP B 177 20.77 -7.47 1.83
C ASP B 177 20.10 -8.41 0.79
N PRO B 178 20.89 -9.04 -0.08
CA PRO B 178 20.26 -9.69 -1.24
C PRO B 178 19.35 -10.84 -0.88
N THR B 179 18.41 -11.13 -1.76
CA THR B 179 17.50 -12.25 -1.60
C THR B 179 18.28 -13.55 -1.40
N TYR B 180 19.26 -13.77 -2.27
CA TYR B 180 20.11 -14.93 -2.23
C TYR B 180 21.49 -14.51 -1.75
N THR B 181 22.08 -15.35 -0.88
CA THR B 181 23.46 -15.26 -0.47
C THR B 181 24.18 -16.45 -1.08
N SER B 182 25.35 -16.26 -1.68
CA SER B 182 26.07 -17.37 -2.33
C SER B 182 26.83 -18.25 -1.34
N SER B 183 26.75 -19.58 -1.55
CA SER B 183 27.35 -20.60 -0.69
C SER B 183 27.50 -21.95 -1.37
N LYS B 187 22.98 -19.15 -3.50
CA LYS B 187 22.34 -20.45 -3.32
C LYS B 187 21.44 -20.57 -2.09
N ILE B 188 21.56 -19.68 -1.11
CA ILE B 188 20.66 -19.70 0.05
C ILE B 188 19.86 -18.37 0.21
N PRO B 189 18.50 -18.44 0.14
CA PRO B 189 17.66 -17.27 0.43
C PRO B 189 17.39 -17.13 1.91
N ILE B 190 18.21 -16.35 2.58
CA ILE B 190 18.19 -16.31 4.07
C ILE B 190 16.81 -16.11 4.68
N ARG B 191 16.09 -15.09 4.24
CA ARG B 191 14.80 -14.76 4.86
C ARG B 191 13.73 -15.82 4.74
N TRP B 192 13.86 -16.72 3.76
CA TRP B 192 12.92 -17.85 3.59
C TRP B 192 13.43 -19.21 4.17
N THR B 193 14.67 -19.27 4.65
CA THR B 193 15.30 -20.54 4.95
C THR B 193 15.31 -20.85 6.47
N ALA B 194 14.90 -22.08 6.81
CA ALA B 194 14.92 -22.53 8.18
C ALA B 194 16.33 -22.45 8.78
N PRO B 195 16.43 -22.13 10.09
CA PRO B 195 17.73 -21.95 10.72
C PRO B 195 18.64 -23.18 10.64
N GLU B 196 18.09 -24.39 10.69
CA GLU B 196 18.93 -25.56 10.58
C GLU B 196 19.43 -25.80 9.15
N ALA B 197 18.71 -25.28 8.15
CA ALA B 197 19.18 -25.35 6.75
C ALA B 197 20.24 -24.27 6.44
N ILE B 198 20.19 -23.16 7.15
CA ILE B 198 21.23 -22.13 7.04
C ILE B 198 22.51 -22.66 7.71
N ALA B 199 22.38 -23.04 8.97
CA ALA B 199 23.50 -23.42 9.80
C ALA B 199 24.17 -24.75 9.37
N TYR B 200 23.38 -25.76 9.02
CA TYR B 200 23.92 -27.11 8.82
C TYR B 200 23.59 -27.71 7.47
N ARG B 201 23.05 -26.91 6.55
CA ARG B 201 22.50 -27.41 5.28
C ARG B 201 21.49 -28.58 5.44
N LYS B 202 20.76 -28.60 6.54
CA LYS B 202 19.75 -29.64 6.77
C LYS B 202 18.45 -29.29 6.05
N PHE B 203 18.42 -29.54 4.74
CA PHE B 203 17.25 -29.27 3.91
C PHE B 203 16.33 -30.49 3.87
N THR B 204 15.09 -30.30 4.33
CA THR B 204 14.09 -31.35 4.39
C THR B 204 12.70 -30.73 4.18
N SER B 205 11.68 -31.59 4.08
CA SER B 205 10.34 -31.10 3.86
C SER B 205 9.94 -30.20 5.06
N ALA B 206 10.41 -30.55 6.24
CA ALA B 206 10.21 -29.71 7.39
C ALA B 206 10.89 -28.33 7.23
N SER B 207 12.01 -28.23 6.50
CA SER B 207 12.59 -26.89 6.23
C SER B 207 11.74 -26.15 5.15
N ASP B 208 11.21 -26.87 4.16
CA ASP B 208 10.19 -26.31 3.27
C ASP B 208 8.98 -25.78 4.04
N VAL B 209 8.62 -26.41 5.16
CA VAL B 209 7.45 -25.97 5.92
C VAL B 209 7.77 -24.60 6.55
N TRP B 210 8.97 -24.44 7.07
CA TRP B 210 9.40 -23.13 7.54
C TRP B 210 9.21 -22.10 6.43
N SER B 211 9.66 -22.44 5.21
CA SER B 211 9.54 -21.55 4.09
C SER B 211 8.10 -21.24 3.82
N TYR B 212 7.23 -22.25 3.89
CA TYR B 212 5.78 -22.06 3.67
C TYR B 212 5.23 -21.05 4.63
N GLY B 213 5.61 -21.14 5.91
CA GLY B 213 5.23 -20.12 6.87
C GLY B 213 5.53 -18.73 6.33
N ILE B 214 6.75 -18.50 5.86
CA ILE B 214 7.13 -17.19 5.34
C ILE B 214 6.21 -16.86 4.16
N VAL B 215 5.97 -17.83 3.26
CA VAL B 215 5.03 -17.63 2.15
C VAL B 215 3.63 -17.24 2.59
N MET B 216 3.09 -17.90 3.62
CA MET B 216 1.84 -17.42 4.26
C MET B 216 1.89 -15.92 4.60
N TRP B 217 3.03 -15.46 5.10
CA TRP B 217 3.15 -14.09 5.66
C TRP B 217 3.22 -13.09 4.50
N GLU B 218 3.82 -13.53 3.41
CA GLU B 218 3.85 -12.76 2.20
C GLU B 218 2.45 -12.56 1.65
N VAL B 219 1.69 -13.65 1.61
CA VAL B 219 0.37 -13.63 0.97
C VAL B 219 -0.51 -12.73 1.81
N MET B 220 -0.58 -13.02 3.10
CA MET B 220 -1.41 -12.21 3.99
C MET B 220 -1.05 -10.72 4.10
N SER B 221 0.18 -10.34 3.75
CA SER B 221 0.62 -8.96 3.83
C SER B 221 0.63 -8.29 2.45
N TYR B 222 0.25 -9.05 1.44
CA TYR B 222 0.27 -8.59 0.06
C TYR B 222 1.67 -8.22 -0.44
N GLY B 223 2.66 -9.02 -0.06
CA GLY B 223 4.00 -8.91 -0.65
C GLY B 223 5.00 -8.04 0.05
N GLU B 224 4.84 -7.84 1.35
CA GLU B 224 5.89 -7.19 2.07
C GLU B 224 7.16 -8.06 2.06
N ARG B 225 8.28 -7.37 2.26
CA ARG B 225 9.56 -7.99 2.45
C ARG B 225 9.60 -8.63 3.83
N PRO B 226 9.76 -9.98 3.90
CA PRO B 226 9.94 -10.55 5.23
C PRO B 226 11.08 -9.85 5.97
N TYR B 227 10.80 -9.42 7.22
CA TYR B 227 11.79 -8.78 8.09
C TYR B 227 12.30 -7.41 7.58
N TRP B 228 11.66 -6.80 6.59
CA TRP B 228 11.93 -5.39 6.24
C TRP B 228 13.43 -4.94 6.15
N ASP B 229 13.80 -3.88 6.88
CA ASP B 229 15.18 -3.42 6.85
C ASP B 229 16.10 -4.07 7.90
N MET B 230 15.71 -5.20 8.46
CA MET B 230 16.72 -6.03 9.16
C MET B 230 17.70 -6.55 8.13
N SER B 231 18.99 -6.39 8.42
CA SER B 231 20.03 -6.99 7.60
C SER B 231 19.82 -8.50 7.55
N ASN B 232 20.39 -9.15 6.53
CA ASN B 232 20.33 -10.62 6.44
C ASN B 232 20.91 -11.26 7.68
N GLN B 233 22.01 -10.71 8.19
CA GLN B 233 22.63 -11.19 9.42
C GLN B 233 21.70 -10.98 10.65
N ASP B 234 21.02 -9.84 10.71
CA ASP B 234 20.10 -9.58 11.80
C ASP B 234 18.99 -10.61 11.86
N VAL B 235 18.58 -11.12 10.70
CA VAL B 235 17.51 -12.08 10.61
C VAL B 235 17.91 -13.43 11.16
N ILE B 236 19.15 -13.85 10.89
CA ILE B 236 19.66 -15.09 11.46
C ILE B 236 19.74 -14.88 12.99
N ASN B 237 20.37 -13.79 13.40
CA ASN B 237 20.50 -13.48 14.82
C ASN B 237 19.12 -13.42 15.52
N ALA B 238 18.19 -12.70 14.92
CA ALA B 238 16.86 -12.53 15.49
C ALA B 238 16.12 -13.86 15.69
N VAL B 239 16.08 -14.64 14.62
CA VAL B 239 15.49 -15.97 14.62
C VAL B 239 16.06 -16.91 15.68
N GLU B 240 17.39 -16.98 15.81
CA GLU B 240 18.01 -17.79 16.85
C GLU B 240 17.56 -17.31 18.25
N GLN B 241 17.20 -16.03 18.36
CA GLN B 241 16.72 -15.44 19.62
C GLN B 241 15.21 -15.53 19.84
N ASP B 242 14.51 -16.31 19.02
CA ASP B 242 13.06 -16.52 19.18
C ASP B 242 12.19 -15.36 18.70
N TYR B 243 12.78 -14.41 17.96
CA TYR B 243 11.98 -13.43 17.27
C TYR B 243 11.25 -14.17 16.16
N ARG B 244 9.95 -13.90 16.08
CA ARG B 244 9.14 -14.37 14.95
C ARG B 244 8.38 -13.15 14.38
N LEU B 245 8.17 -13.15 13.07
CA LEU B 245 7.48 -12.07 12.37
C LEU B 245 6.09 -11.85 12.93
N PRO B 246 5.67 -10.59 13.04
CA PRO B 246 4.33 -10.38 13.60
C PRO B 246 3.19 -10.69 12.63
N PRO B 247 1.92 -10.64 13.11
CA PRO B 247 0.81 -10.77 12.16
C PRO B 247 0.76 -9.60 11.20
N PRO B 248 0.59 -9.87 9.89
CA PRO B 248 0.26 -8.77 8.97
C PRO B 248 -1.05 -8.07 9.39
N MET B 249 -1.22 -6.83 8.94
CA MET B 249 -2.45 -6.11 9.14
C MET B 249 -3.68 -6.92 8.77
N ASP B 250 -4.60 -6.96 9.74
CA ASP B 250 -5.88 -7.65 9.62
C ASP B 250 -5.76 -9.15 9.39
N CYS B 251 -4.58 -9.74 9.64
CA CYS B 251 -4.43 -11.18 9.45
C CYS B 251 -5.16 -11.87 10.61
N PRO B 252 -5.98 -12.88 10.30
CA PRO B 252 -6.64 -13.67 11.33
C PRO B 252 -5.64 -14.36 12.24
N THR B 253 -5.89 -14.34 13.55
CA THR B 253 -5.06 -15.02 14.52
C THR B 253 -4.85 -16.49 14.16
N ALA B 254 -5.87 -17.19 13.68
CA ALA B 254 -5.68 -18.57 13.28
C ALA B 254 -4.52 -18.74 12.25
N LEU B 255 -4.42 -17.83 11.32
CA LEU B 255 -3.44 -17.96 10.23
C LEU B 255 -2.04 -17.62 10.73
N HIS B 256 -1.91 -16.60 11.55
CA HIS B 256 -0.65 -16.31 12.16
C HIS B 256 -0.21 -17.46 13.08
N GLN B 257 -1.13 -18.05 13.83
CA GLN B 257 -0.77 -19.17 14.66
C GLN B 257 -0.15 -20.29 13.82
N LEU B 258 -0.72 -20.55 12.65
CA LEU B 258 -0.21 -21.58 11.78
C LEU B 258 1.19 -21.20 11.23
N MET B 259 1.46 -19.91 11.04
CA MET B 259 2.80 -19.46 10.68
C MET B 259 3.74 -19.82 11.81
N LEU B 260 3.35 -19.45 13.03
CA LEU B 260 4.18 -19.72 14.20
C LEU B 260 4.47 -21.21 14.30
N ASP B 261 3.48 -22.04 13.97
CA ASP B 261 3.71 -23.49 13.98
C ASP B 261 4.79 -23.88 12.95
N CYS B 262 4.72 -23.25 11.78
CA CYS B 262 5.70 -23.54 10.73
C CYS B 262 7.11 -23.10 11.10
N TRP B 263 7.22 -22.13 12.01
CA TRP B 263 8.51 -21.58 12.41
C TRP B 263 8.95 -22.06 13.78
N VAL B 264 8.39 -23.16 14.25
CA VAL B 264 8.94 -23.83 15.43
C VAL B 264 10.44 -24.10 15.18
N ARG B 265 11.28 -23.72 16.13
N ARG B 265 11.29 -23.69 16.13
CA ARG B 265 12.69 -24.03 16.07
CA ARG B 265 12.72 -24.00 16.11
C ARG B 265 12.97 -25.53 16.06
C ARG B 265 12.96 -25.52 16.05
N ASP B 266 12.15 -26.29 16.77
CA ASP B 266 12.23 -27.75 16.71
C ASP B 266 11.60 -28.17 15.40
N ARG B 267 12.43 -28.57 14.43
CA ARG B 267 11.92 -28.98 13.15
C ARG B 267 10.97 -30.18 13.23
N ASN B 268 11.08 -31.01 14.26
CA ASN B 268 10.23 -32.19 14.37
C ASN B 268 8.79 -31.89 14.79
N LEU B 269 8.56 -30.70 15.34
CA LEU B 269 7.27 -30.27 15.82
C LEU B 269 6.50 -29.49 14.76
N ARG B 270 7.14 -29.12 13.66
CA ARG B 270 6.44 -28.37 12.64
C ARG B 270 5.42 -29.28 12.03
N PRO B 271 4.26 -28.74 11.60
CA PRO B 271 3.29 -29.62 11.00
C PRO B 271 3.84 -30.08 9.65
N LYS B 272 3.36 -31.22 9.18
CA LYS B 272 3.62 -31.68 7.84
C LYS B 272 2.66 -30.95 6.91
N PHE B 273 2.89 -31.07 5.61
CA PHE B 273 2.10 -30.33 4.64
C PHE B 273 0.68 -30.88 4.59
N SER B 274 0.49 -32.18 4.84
CA SER B 274 -0.85 -32.73 4.98
C SER B 274 -1.60 -32.03 6.12
N GLN B 275 -0.91 -31.79 7.24
CA GLN B 275 -1.56 -31.13 8.39
C GLN B 275 -1.95 -29.68 8.09
N ILE B 276 -1.11 -29.00 7.32
CA ILE B 276 -1.35 -27.63 6.88
C ILE B 276 -2.56 -27.57 5.95
N VAL B 277 -2.59 -28.47 4.96
CA VAL B 277 -3.75 -28.58 4.10
C VAL B 277 -5.01 -28.80 4.97
N ASN B 278 -4.92 -29.71 5.93
CA ASN B 278 -6.05 -30.05 6.81
C ASN B 278 -6.52 -28.86 7.64
N THR B 279 -5.59 -28.09 8.16
CA THR B 279 -5.90 -26.93 8.99
C THR B 279 -6.55 -25.85 8.14
N LEU B 280 -6.05 -25.67 6.91
CA LEU B 280 -6.59 -24.63 6.01
C LEU B 280 -8.01 -25.02 5.57
N ASP B 281 -8.23 -26.29 5.27
CA ASP B 281 -9.60 -26.79 5.01
C ASP B 281 -10.52 -26.59 6.22
N LYS B 282 -10.02 -26.84 7.43
CA LYS B 282 -10.83 -26.57 8.65
C LYS B 282 -11.29 -25.13 8.71
N LEU B 283 -10.41 -24.21 8.35
CA LEU B 283 -10.72 -22.79 8.38
C LEU B 283 -11.73 -22.39 7.28
N ILE B 284 -11.63 -22.99 6.09
CA ILE B 284 -12.58 -22.77 5.01
C ILE B 284 -13.95 -23.33 5.36
N ARG B 285 -14.00 -24.46 6.07
CA ARG B 285 -15.29 -25.01 6.54
C ARG B 285 -15.86 -24.19 7.69
N ASN B 286 -15.04 -23.38 8.36
CA ASN B 286 -15.47 -22.63 9.55
C ASN B 286 -15.01 -21.18 9.48
N PRO B 287 -15.52 -20.43 8.48
CA PRO B 287 -14.96 -19.11 8.15
C PRO B 287 -15.16 -18.07 9.25
N ALA B 288 -16.17 -18.23 10.08
CA ALA B 288 -16.32 -17.36 11.24
C ALA B 288 -15.01 -17.33 12.04
N SER B 289 -14.31 -18.46 12.13
CA SER B 289 -13.07 -18.52 12.90
C SER B 289 -11.97 -17.62 12.30
N LEU B 290 -12.03 -17.32 10.99
CA LEU B 290 -11.12 -16.37 10.35
C LEU B 290 -11.38 -14.89 10.72
N LYS B 291 -12.47 -14.61 11.42
CA LYS B 291 -12.76 -13.25 11.88
C LYS B 291 -11.99 -12.79 13.12
N VAL B 292 -11.54 -13.71 13.99
CA VAL B 292 -10.72 -13.29 15.15
C VAL B 292 -9.38 -12.74 14.67
N ILE B 293 -9.01 -11.56 15.20
CA ILE B 293 -7.80 -10.84 14.82
C ILE B 293 -7.03 -10.36 16.05
#